data_5UFF
#
_entry.id   5UFF
#
_cell.length_a   39.969
_cell.length_b   47.503
_cell.length_c   57.276
_cell.angle_alpha   90.000
_cell.angle_beta   85.690
_cell.angle_gamma   90.000
#
_symmetry.space_group_name_H-M   'P 1 21 1'
#
loop_
_entity.id
_entity.type
_entity.pdbx_description
1 polymer RBC36
2 branched alpha-L-fucopyranose-(1-2)-beta-D-galactopyranose-(1-4)-beta-D-glucopyranose
3 water water
#
_entity_poly.entity_id   1
_entity_poly.type   'polypeptide(L)'
_entity_poly.pdbx_seq_one_letter_code
;CPSQCSCSGTTVDCRSKRHASVPAGIPTNAQILYLHDNQITKLEPGVFDSLINLKELYLGSNQLGALPVGVFDSLTQLTV
LDLGTNQLTVLPSAVFDRLVHLKELFMCCNKLTELPRGIERLTHLTHLALDQNQLKSIPHGAFDRLSSLTHAYLFGNPWD
CECRDIMYLRNWVADHTSIAMRWDGKAVNDPDSAKCAGTNTPVRAVTEASTSPSKC
;
_entity_poly.pdbx_strand_id   A
#
# COMPACT_ATOMS: atom_id res chain seq x y z
N CYS A 1 -15.44 -1.41 -25.83
CA CYS A 1 -15.45 -1.27 -24.38
C CYS A 1 -15.94 -2.55 -23.70
N PRO A 2 -15.18 -3.05 -22.70
CA PRO A 2 -15.43 -4.30 -21.98
C PRO A 2 -16.81 -4.39 -21.37
N SER A 3 -17.31 -5.61 -21.22
CA SER A 3 -18.64 -5.84 -20.67
C SER A 3 -18.69 -5.39 -19.21
N GLN A 4 -19.75 -4.65 -18.86
CA GLN A 4 -19.93 -4.07 -17.52
C GLN A 4 -18.82 -3.07 -17.15
N CYS A 5 -18.31 -2.34 -18.15
CA CYS A 5 -17.38 -1.24 -17.92
C CYS A 5 -17.76 -0.02 -18.76
N SER A 6 -17.24 1.15 -18.40
CA SER A 6 -17.39 2.33 -19.24
C SER A 6 -16.03 2.96 -19.59
N CYS A 7 -15.91 3.46 -20.82
CA CYS A 7 -14.64 3.97 -21.34
C CYS A 7 -14.80 5.38 -21.87
N SER A 8 -13.92 6.27 -21.43
CA SER A 8 -13.91 7.64 -21.92
C SER A 8 -12.49 8.03 -22.26
N GLY A 9 -12.16 7.92 -23.54
CA GLY A 9 -10.80 8.19 -24.02
C GLY A 9 -9.82 7.18 -23.44
N THR A 10 -9.00 7.64 -22.52
CA THR A 10 -8.00 6.75 -21.92
C THR A 10 -8.40 6.28 -20.52
N THR A 11 -9.61 6.64 -20.09
CA THR A 11 -10.05 6.16 -18.79
C THR A 11 -11.04 5.01 -18.92
N VAL A 12 -10.73 3.92 -18.23
CA VAL A 12 -11.58 2.75 -18.24
C VAL A 12 -12.12 2.47 -16.84
N ASP A 13 -13.42 2.69 -16.67
CA ASP A 13 -14.04 2.63 -15.35
C ASP A 13 -14.87 1.37 -15.17
N CYS A 14 -14.37 0.43 -14.39
CA CYS A 14 -15.13 -0.78 -14.10
C CYS A 14 -15.36 -0.94 -12.60
N ARG A 15 -15.44 0.15 -11.86
CA ARG A 15 -15.69 0.02 -10.42
C ARG A 15 -17.13 -0.38 -10.16
N SER A 16 -17.32 -1.21 -9.13
CA SER A 16 -18.64 -1.50 -8.59
C SER A 16 -19.53 -2.21 -9.59
N LYS A 17 -19.03 -3.26 -10.23
CA LYS A 17 -19.83 -3.97 -11.20
C LYS A 17 -19.83 -5.47 -10.97
N ARG A 18 -19.49 -5.89 -9.75
CA ARG A 18 -19.42 -7.31 -9.39
C ARG A 18 -18.54 -8.12 -10.39
N HIS A 19 -17.38 -7.58 -10.75
CA HIS A 19 -16.42 -8.37 -11.52
C HIS A 19 -15.79 -9.43 -10.62
N ALA A 20 -15.79 -10.66 -11.12
CA ALA A 20 -15.22 -11.78 -10.40
C ALA A 20 -13.80 -12.07 -10.92
N SER A 21 -13.42 -11.37 -11.99
CA SER A 21 -12.06 -11.44 -12.56
C SER A 21 -11.84 -10.21 -13.45
N VAL A 22 -10.60 -9.91 -13.75
CA VAL A 22 -10.30 -8.80 -14.66
C VAL A 22 -10.93 -9.06 -16.02
N PRO A 23 -11.70 -8.10 -16.53
CA PRO A 23 -12.45 -8.27 -17.78
C PRO A 23 -11.55 -8.22 -19.02
N ALA A 24 -11.81 -9.09 -19.99
CA ALA A 24 -11.07 -9.06 -21.25
C ALA A 24 -11.46 -7.83 -22.06
N GLY A 25 -10.58 -7.41 -22.96
CA GLY A 25 -10.90 -6.33 -23.87
C GLY A 25 -10.60 -4.93 -23.36
N ILE A 26 -9.74 -4.82 -22.35
CA ILE A 26 -9.34 -3.50 -21.88
C ILE A 26 -8.41 -2.84 -22.92
N PRO A 27 -8.83 -1.68 -23.46
CA PRO A 27 -8.07 -0.92 -24.46
C PRO A 27 -6.65 -0.65 -24.00
N THR A 28 -5.69 -0.89 -24.88
CA THR A 28 -4.28 -0.80 -24.51
C THR A 28 -3.79 0.64 -24.39
N ASN A 29 -4.63 1.59 -24.80
CA ASN A 29 -4.24 3.00 -24.68
C ASN A 29 -4.62 3.61 -23.32
N ALA A 30 -5.26 2.80 -22.46
CA ALA A 30 -5.79 3.27 -21.19
C ALA A 30 -4.74 3.83 -20.21
N GLN A 31 -4.98 5.02 -19.68
CA GLN A 31 -4.07 5.61 -18.70
C GLN A 31 -4.61 5.51 -17.27
N ILE A 32 -5.93 5.35 -17.12
CA ILE A 32 -6.53 5.14 -15.81
C ILE A 32 -7.46 3.95 -15.84
N LEU A 33 -7.23 2.99 -14.97
CA LEU A 33 -8.08 1.82 -14.89
C LEU A 33 -8.66 1.62 -13.49
N TYR A 34 -9.93 1.94 -13.32
CA TYR A 34 -10.64 1.68 -12.06
C TYR A 34 -11.19 0.25 -12.05
N LEU A 35 -10.68 -0.59 -11.17
CA LEU A 35 -11.21 -1.94 -10.99
C LEU A 35 -11.58 -2.19 -9.52
N HIS A 36 -11.57 -1.13 -8.73
CA HIS A 36 -11.84 -1.27 -7.32
C HIS A 36 -13.35 -1.48 -7.06
N ASP A 37 -13.65 -2.26 -6.02
CA ASP A 37 -15.02 -2.53 -5.55
C ASP A 37 -15.71 -3.55 -6.43
N ASN A 38 -15.05 -4.68 -6.62
CA ASN A 38 -15.60 -5.85 -7.28
C ASN A 38 -15.21 -7.02 -6.39
N GLN A 39 -15.36 -8.24 -6.86
CA GLN A 39 -14.85 -9.40 -6.11
C GLN A 39 -13.87 -10.20 -6.94
N ILE A 40 -12.89 -9.50 -7.51
CA ILE A 40 -11.82 -10.15 -8.28
C ILE A 40 -10.96 -10.99 -7.36
N THR A 41 -10.96 -12.30 -7.58
CA THR A 41 -10.34 -13.27 -6.68
C THR A 41 -8.89 -13.58 -7.06
N LYS A 42 -8.51 -13.23 -8.28
CA LYS A 42 -7.15 -13.44 -8.70
C LYS A 42 -6.81 -12.58 -9.89
N LEU A 43 -5.51 -12.35 -10.10
CA LEU A 43 -5.05 -11.67 -11.28
C LEU A 43 -4.39 -12.71 -12.14
N GLU A 44 -4.67 -12.71 -13.43
CA GLU A 44 -4.01 -13.70 -14.26
C GLU A 44 -2.62 -13.23 -14.63
N PRO A 45 -1.62 -14.11 -14.51
CA PRO A 45 -0.28 -13.85 -15.02
C PRO A 45 -0.38 -13.17 -16.39
N GLY A 46 0.17 -11.98 -16.52
CA GLY A 46 0.12 -11.27 -17.78
C GLY A 46 -1.06 -10.35 -18.03
N VAL A 47 -2.01 -10.29 -17.09
CA VAL A 47 -3.27 -9.59 -17.32
C VAL A 47 -3.07 -8.12 -17.70
N PHE A 48 -2.00 -7.49 -17.23
CA PHE A 48 -1.81 -6.07 -17.50
C PHE A 48 -0.70 -5.74 -18.51
N ASP A 49 -0.01 -6.77 -19.00
CA ASP A 49 1.12 -6.62 -19.92
C ASP A 49 0.89 -5.66 -21.09
N SER A 50 -0.28 -5.70 -21.69
CA SER A 50 -0.58 -4.84 -22.81
C SER A 50 -0.72 -3.36 -22.46
N LEU A 51 -0.98 -3.05 -21.19
CA LEU A 51 -1.32 -1.69 -20.79
C LEU A 51 -0.13 -0.83 -20.40
N ILE A 52 0.85 -0.69 -21.30
CA ILE A 52 2.12 -0.09 -20.92
C ILE A 52 2.08 1.43 -20.76
N ASN A 53 0.96 2.08 -21.08
CA ASN A 53 0.84 3.51 -20.83
C ASN A 53 0.03 3.80 -19.56
N LEU A 54 -0.21 2.77 -18.74
CA LEU A 54 -1.10 2.93 -17.60
C LEU A 54 -0.44 3.81 -16.53
N LYS A 55 -1.20 4.76 -15.98
CA LYS A 55 -0.66 5.69 -14.99
C LYS A 55 -1.30 5.49 -13.63
N GLU A 56 -2.57 5.13 -13.62
CA GLU A 56 -3.27 4.91 -12.36
C GLU A 56 -4.02 3.60 -12.43
N LEU A 57 -3.84 2.77 -11.42
CA LEU A 57 -4.47 1.46 -11.36
C LEU A 57 -5.11 1.22 -10.00
N TYR A 58 -6.44 1.08 -9.97
CA TYR A 58 -7.09 0.86 -8.70
C TYR A 58 -7.68 -0.54 -8.59
N LEU A 59 -7.19 -1.27 -7.60
CA LEU A 59 -7.62 -2.64 -7.40
C LEU A 59 -8.19 -2.85 -6.02
N GLY A 60 -8.37 -1.74 -5.30
CA GLY A 60 -8.90 -1.76 -3.95
C GLY A 60 -10.22 -2.51 -3.84
N SER A 61 -10.53 -3.00 -2.64
CA SER A 61 -11.81 -3.61 -2.33
C SER A 61 -12.17 -4.76 -3.27
N ASN A 62 -11.31 -5.75 -3.31
CA ASN A 62 -11.60 -6.99 -4.04
C ASN A 62 -11.30 -8.19 -3.16
N GLN A 63 -11.07 -9.34 -3.78
CA GLN A 63 -10.79 -10.58 -3.06
C GLN A 63 -9.37 -11.11 -3.27
N LEU A 64 -8.46 -10.22 -3.67
CA LEU A 64 -7.10 -10.63 -3.99
C LEU A 64 -6.42 -11.24 -2.79
N GLY A 65 -6.12 -12.54 -2.90
CA GLY A 65 -5.35 -13.25 -1.91
C GLY A 65 -3.87 -13.22 -2.23
N ALA A 66 -3.54 -13.18 -3.51
CA ALA A 66 -2.14 -13.12 -3.92
C ALA A 66 -1.94 -12.27 -5.17
N LEU A 67 -0.69 -11.89 -5.42
CA LEU A 67 -0.33 -11.27 -6.68
C LEU A 67 0.65 -12.18 -7.40
N PRO A 68 0.46 -12.38 -8.71
CA PRO A 68 1.39 -13.20 -9.49
C PRO A 68 2.72 -12.50 -9.65
N VAL A 69 3.77 -13.28 -9.89
CA VAL A 69 5.09 -12.71 -10.12
C VAL A 69 5.06 -11.84 -11.37
N GLY A 70 5.62 -10.63 -11.26
CA GLY A 70 5.72 -9.73 -12.40
C GLY A 70 4.45 -9.06 -12.88
N VAL A 71 3.35 -9.25 -12.16
CA VAL A 71 2.05 -8.74 -12.59
C VAL A 71 2.08 -7.25 -12.92
N PHE A 72 3.01 -6.50 -12.36
CA PHE A 72 3.07 -5.06 -12.64
C PHE A 72 4.33 -4.66 -13.42
N ASP A 73 5.02 -5.60 -14.04
CA ASP A 73 6.30 -5.29 -14.66
C ASP A 73 6.17 -4.38 -15.88
N SER A 74 5.06 -4.47 -16.59
CA SER A 74 4.85 -3.65 -17.77
C SER A 74 4.52 -2.19 -17.48
N LEU A 75 4.10 -1.90 -16.26
CA LEU A 75 3.57 -0.58 -15.95
C LEU A 75 4.67 0.34 -15.45
N THR A 76 5.64 0.63 -16.31
CA THR A 76 6.81 1.43 -15.91
C THR A 76 6.50 2.91 -15.74
N GLN A 77 5.32 3.34 -16.21
CA GLN A 77 4.91 4.74 -16.13
C GLN A 77 3.87 4.97 -15.01
N LEU A 78 3.60 3.93 -14.23
CA LEU A 78 2.51 3.96 -13.26
C LEU A 78 2.84 4.89 -12.08
N THR A 79 1.85 5.69 -11.67
CA THR A 79 2.07 6.69 -10.62
C THR A 79 1.21 6.44 -9.40
N VAL A 80 0.08 5.76 -9.61
CA VAL A 80 -0.86 5.43 -8.55
C VAL A 80 -1.20 3.95 -8.53
N LEU A 81 -0.99 3.28 -7.41
CA LEU A 81 -1.38 1.88 -7.25
C LEU A 81 -2.18 1.63 -5.97
N ASP A 82 -3.45 1.26 -6.13
CA ASP A 82 -4.32 1.05 -4.97
C ASP A 82 -4.71 -0.41 -4.77
N LEU A 83 -4.25 -0.99 -3.66
CA LEU A 83 -4.47 -2.39 -3.34
C LEU A 83 -5.21 -2.59 -2.01
N GLY A 84 -5.68 -1.50 -1.42
CA GLY A 84 -6.31 -1.56 -0.12
C GLY A 84 -7.53 -2.45 -0.12
N THR A 85 -7.74 -3.16 0.98
CA THR A 85 -8.98 -3.90 1.22
C THR A 85 -9.01 -5.12 0.30
N ASN A 86 -7.96 -5.92 0.44
CA ASN A 86 -7.97 -7.25 -0.13
C ASN A 86 -7.55 -8.21 0.96
N GLN A 87 -7.11 -9.40 0.61
CA GLN A 87 -6.78 -10.39 1.64
C GLN A 87 -5.30 -10.74 1.53
N LEU A 88 -4.49 -9.76 1.17
CA LEU A 88 -3.07 -9.98 0.91
C LEU A 88 -2.28 -10.30 2.17
N THR A 89 -1.38 -11.26 2.07
CA THR A 89 -0.59 -11.70 3.20
C THR A 89 0.89 -11.55 2.91
N VAL A 90 1.34 -12.22 1.85
CA VAL A 90 2.74 -12.14 1.41
C VAL A 90 2.77 -11.64 -0.03
N LEU A 91 3.72 -10.76 -0.34
CA LEU A 91 3.89 -10.32 -1.72
C LEU A 91 5.17 -10.89 -2.34
N PRO A 92 5.22 -10.98 -3.67
CA PRO A 92 6.46 -11.34 -4.37
C PRO A 92 7.51 -10.26 -4.14
N SER A 93 8.77 -10.66 -3.94
CA SER A 93 9.78 -9.72 -3.48
C SER A 93 10.07 -8.56 -4.44
N ALA A 94 9.72 -8.73 -5.72
CA ALA A 94 10.08 -7.72 -6.72
C ALA A 94 8.85 -7.11 -7.39
N VAL A 95 7.68 -7.34 -6.79
CA VAL A 95 6.43 -6.92 -7.41
C VAL A 95 6.37 -5.41 -7.66
N PHE A 96 7.12 -4.63 -6.89
CA PHE A 96 7.08 -3.16 -7.02
C PHE A 96 8.27 -2.62 -7.78
N ASP A 97 9.20 -3.50 -8.10
CA ASP A 97 10.50 -3.16 -8.66
C ASP A 97 10.46 -2.24 -9.89
N ARG A 98 9.59 -2.52 -10.84
CA ARG A 98 9.58 -1.72 -12.06
C ARG A 98 8.81 -0.41 -11.92
N LEU A 99 8.14 -0.22 -10.78
CA LEU A 99 7.30 0.95 -10.59
C LEU A 99 8.08 2.14 -10.08
N VAL A 100 9.15 2.48 -10.80
CA VAL A 100 10.10 3.46 -10.31
C VAL A 100 9.51 4.89 -10.18
N HIS A 101 8.38 5.16 -10.83
CA HIS A 101 7.76 6.48 -10.75
C HIS A 101 6.50 6.53 -9.89
N LEU A 102 6.23 5.45 -9.16
CA LEU A 102 5.06 5.37 -8.30
C LEU A 102 5.06 6.49 -7.25
N LYS A 103 3.96 7.22 -7.15
CA LYS A 103 3.84 8.29 -6.15
C LYS A 103 2.87 7.93 -5.02
N GLU A 104 1.81 7.20 -5.34
CA GLU A 104 0.85 6.80 -4.34
C GLU A 104 0.69 5.30 -4.28
N LEU A 105 0.97 4.73 -3.11
CA LEU A 105 0.82 3.31 -2.89
C LEU A 105 -0.12 3.08 -1.71
N PHE A 106 -1.30 2.59 -2.02
CA PHE A 106 -2.30 2.30 -1.01
C PHE A 106 -2.42 0.81 -0.78
N MET A 107 -2.17 0.37 0.44
CA MET A 107 -2.18 -1.05 0.76
C MET A 107 -2.91 -1.35 2.05
N CYS A 108 -3.72 -0.42 2.51
CA CYS A 108 -4.42 -0.58 3.78
C CYS A 108 -5.28 -1.83 3.81
N CYS A 109 -5.68 -2.23 5.01
CA CYS A 109 -6.79 -3.16 5.20
C CYS A 109 -6.58 -4.46 4.40
N ASN A 110 -5.34 -4.94 4.41
CA ASN A 110 -5.05 -6.29 3.96
C ASN A 110 -4.64 -7.10 5.19
N LYS A 111 -3.85 -8.16 5.00
CA LYS A 111 -3.38 -8.96 6.14
C LYS A 111 -1.84 -9.05 6.18
N LEU A 112 -1.15 -7.95 5.92
CA LEU A 112 0.31 -7.96 5.91
C LEU A 112 0.89 -7.96 7.32
N THR A 113 2.03 -8.62 7.48
CA THR A 113 2.65 -8.79 8.79
C THR A 113 4.07 -8.19 8.81
N GLU A 114 4.68 -8.19 7.63
CA GLU A 114 5.97 -7.54 7.39
C GLU A 114 5.78 -6.50 6.31
N LEU A 115 6.64 -5.49 6.29
CA LEU A 115 6.62 -4.53 5.19
C LEU A 115 7.09 -5.24 3.91
N PRO A 116 6.32 -5.14 2.83
CA PRO A 116 6.68 -5.84 1.58
C PRO A 116 8.00 -5.35 1.02
N ARG A 117 8.88 -6.27 0.65
CA ARG A 117 10.17 -5.91 0.07
C ARG A 117 9.94 -5.03 -1.16
N GLY A 118 10.80 -4.04 -1.37
CA GLY A 118 10.65 -3.16 -2.51
C GLY A 118 10.18 -1.75 -2.18
N ILE A 119 9.29 -1.64 -1.20
CA ILE A 119 8.72 -0.36 -0.83
C ILE A 119 9.83 0.63 -0.52
N GLU A 120 10.86 0.16 0.17
CA GLU A 120 12.11 0.88 0.41
C GLU A 120 12.71 1.65 -0.79
N ARG A 121 12.51 1.15 -2.01
CA ARG A 121 13.19 1.74 -3.16
C ARG A 121 12.33 2.72 -3.97
N LEU A 122 11.04 2.81 -3.65
CA LEU A 122 10.14 3.70 -4.37
C LEU A 122 10.28 5.14 -3.91
N THR A 123 11.32 5.80 -4.42
CA THR A 123 11.75 7.09 -3.91
C THR A 123 10.84 8.27 -4.20
N HIS A 124 9.88 8.09 -5.07
CA HIS A 124 9.02 9.19 -5.47
C HIS A 124 7.67 9.15 -4.76
N LEU A 125 7.50 8.17 -3.87
CA LEU A 125 6.28 8.04 -3.09
C LEU A 125 5.91 9.34 -2.39
N THR A 126 4.68 9.80 -2.58
CA THR A 126 4.18 10.93 -1.80
C THR A 126 3.18 10.43 -0.79
N HIS A 127 2.45 9.38 -1.18
CA HIS A 127 1.53 8.74 -0.25
C HIS A 127 1.91 7.29 -0.06
N LEU A 128 1.89 6.85 1.19
CA LEU A 128 2.08 5.44 1.52
C LEU A 128 1.08 5.06 2.60
N ALA A 129 0.20 4.09 2.31
CA ALA A 129 -0.83 3.68 3.25
C ALA A 129 -0.68 2.23 3.70
N LEU A 130 -0.37 2.03 4.97
CA LEU A 130 -0.19 0.70 5.53
C LEU A 130 -1.18 0.36 6.63
N ASP A 131 -2.15 1.24 6.84
CA ASP A 131 -3.02 1.14 7.99
C ASP A 131 -3.89 -0.10 7.97
N GLN A 132 -4.21 -0.60 9.16
CA GLN A 132 -5.12 -1.74 9.34
C GLN A 132 -4.62 -3.03 8.67
N ASN A 133 -3.36 -3.36 8.91
CA ASN A 133 -2.82 -4.64 8.51
C ASN A 133 -2.48 -5.43 9.77
N GLN A 134 -1.27 -5.99 9.86
CA GLN A 134 -0.86 -6.64 11.10
C GLN A 134 0.63 -6.52 11.34
N LEU A 135 1.15 -5.33 11.05
CA LEU A 135 2.57 -5.07 11.15
C LEU A 135 2.94 -4.85 12.61
N LYS A 136 4.00 -5.53 13.04
CA LYS A 136 4.46 -5.42 14.42
C LYS A 136 5.55 -4.37 14.51
N SER A 137 6.26 -4.21 13.41
CA SER A 137 7.32 -3.22 13.33
C SER A 137 7.65 -2.86 11.89
N ILE A 138 8.71 -2.08 11.73
CA ILE A 138 9.22 -1.64 10.45
C ILE A 138 10.71 -1.94 10.46
N PRO A 139 11.23 -2.58 9.40
CA PRO A 139 12.66 -2.90 9.33
C PRO A 139 13.49 -1.62 9.33
N HIS A 140 14.63 -1.63 10.02
CA HIS A 140 15.42 -0.40 10.17
C HIS A 140 15.84 0.17 8.81
N GLY A 141 15.62 1.47 8.64
CA GLY A 141 15.98 2.16 7.41
C GLY A 141 14.99 2.14 6.25
N ALA A 142 13.88 1.43 6.38
CA ALA A 142 12.98 1.23 5.26
C ALA A 142 12.44 2.55 4.65
N PHE A 143 12.42 3.62 5.45
CA PHE A 143 11.89 4.90 4.99
C PHE A 143 12.96 5.90 4.57
N ASP A 144 14.23 5.50 4.66
CA ASP A 144 15.34 6.40 4.35
C ASP A 144 15.25 7.11 3.01
N ARG A 145 14.94 6.35 1.96
CA ARG A 145 14.95 6.88 0.59
C ARG A 145 13.63 7.53 0.20
N LEU A 146 12.63 7.43 1.07
CA LEU A 146 11.30 7.94 0.76
C LEU A 146 11.13 9.41 1.15
N SER A 147 11.95 10.26 0.54
CA SER A 147 12.09 11.65 0.95
C SER A 147 11.06 12.59 0.31
N SER A 148 10.01 12.01 -0.22
CA SER A 148 8.96 12.79 -0.89
C SER A 148 7.63 12.58 -0.18
N LEU A 149 7.68 11.85 0.93
CA LEU A 149 6.49 11.46 1.66
C LEU A 149 5.79 12.66 2.27
N THR A 150 4.51 12.79 2.00
CA THR A 150 3.71 13.83 2.59
C THR A 150 2.59 13.22 3.41
N HIS A 151 2.24 11.98 3.06
CA HIS A 151 1.24 11.22 3.81
C HIS A 151 1.68 9.81 4.13
N ALA A 152 1.70 9.50 5.42
CA ALA A 152 2.02 8.16 5.90
C ALA A 152 0.89 7.65 6.75
N TYR A 153 0.31 6.54 6.35
CA TYR A 153 -0.77 5.96 7.13
C TYR A 153 -0.30 4.72 7.86
N LEU A 154 -0.21 4.82 9.18
CA LEU A 154 0.31 3.73 9.99
C LEU A 154 -0.65 3.18 11.07
N PHE A 155 -1.82 3.79 11.22
CA PHE A 155 -2.73 3.44 12.31
C PHE A 155 -3.34 2.05 12.13
N GLY A 156 -3.92 1.52 13.19
CA GLY A 156 -4.58 0.23 13.13
C GLY A 156 -3.64 -0.92 12.87
N ASN A 157 -2.40 -0.82 13.34
CA ASN A 157 -1.53 -1.97 13.34
C ASN A 157 -1.12 -2.34 14.75
N PRO A 158 -1.02 -3.66 15.02
CA PRO A 158 -0.55 -4.17 16.31
C PRO A 158 0.95 -3.93 16.54
N TRP A 159 1.36 -2.66 16.56
CA TRP A 159 2.77 -2.29 16.75
C TRP A 159 3.34 -2.83 18.06
N ASP A 160 4.55 -3.38 18.00
CA ASP A 160 5.13 -4.09 19.13
C ASP A 160 6.16 -3.26 19.90
N CYS A 161 5.68 -2.42 20.81
CA CYS A 161 6.55 -1.50 21.55
C CYS A 161 7.35 -2.17 22.68
N GLU A 162 7.21 -3.48 22.85
CA GLU A 162 8.06 -4.20 23.78
C GLU A 162 9.45 -4.33 23.19
N CYS A 163 9.48 -4.61 21.89
CA CYS A 163 10.72 -4.85 21.19
C CYS A 163 11.48 -3.56 20.86
N ARG A 164 12.80 -3.59 20.99
CA ARG A 164 13.65 -2.45 20.67
C ARG A 164 13.70 -2.16 19.17
N ASP A 165 13.20 -3.09 18.36
CA ASP A 165 13.20 -2.86 16.92
C ASP A 165 11.91 -2.17 16.50
N ILE A 166 11.26 -1.55 17.47
CA ILE A 166 10.22 -0.58 17.19
C ILE A 166 10.87 0.80 17.12
N MET A 167 12.11 0.91 17.60
CA MET A 167 12.70 2.21 17.85
C MET A 167 12.93 2.98 16.57
N TYR A 168 13.00 2.26 15.44
CA TYR A 168 13.09 2.95 14.16
C TYR A 168 11.79 3.65 13.82
N LEU A 169 10.68 2.94 13.91
CA LEU A 169 9.37 3.53 13.63
C LEU A 169 9.07 4.63 14.65
N ARG A 170 9.47 4.40 15.89
CA ARG A 170 9.28 5.41 16.95
C ARG A 170 9.94 6.71 16.55
N ASN A 171 11.23 6.61 16.26
CA ASN A 171 12.04 7.76 15.92
C ASN A 171 11.57 8.42 14.65
N TRP A 172 11.10 7.59 13.74
CA TRP A 172 10.69 8.09 12.45
C TRP A 172 9.40 8.89 12.58
N VAL A 173 8.43 8.40 13.34
CA VAL A 173 7.17 9.15 13.50
C VAL A 173 7.43 10.49 14.21
N ALA A 174 8.28 10.48 15.23
CA ALA A 174 8.64 11.69 15.94
C ALA A 174 9.32 12.71 15.01
N ASP A 175 10.06 12.22 14.01
CA ASP A 175 10.79 13.10 13.10
C ASP A 175 9.94 13.57 11.92
N HIS A 176 8.82 12.91 11.71
CA HIS A 176 7.95 13.25 10.59
C HIS A 176 6.52 13.41 11.07
N THR A 177 6.33 14.10 12.19
CA THR A 177 5.01 14.22 12.79
C THR A 177 3.99 14.77 11.80
N SER A 178 4.42 15.64 10.92
CA SER A 178 3.53 16.30 9.99
C SER A 178 3.04 15.43 8.82
N ILE A 179 3.68 14.29 8.60
CA ILE A 179 3.24 13.46 7.49
C ILE A 179 2.50 12.24 8.01
N ALA A 180 2.55 12.06 9.33
CA ALA A 180 1.78 11.03 10.03
C ALA A 180 0.29 11.34 9.96
N MET A 181 -0.48 10.44 9.36
CA MET A 181 -1.86 10.74 9.05
C MET A 181 -2.77 9.68 9.61
N ARG A 182 -3.90 10.09 10.18
CA ARG A 182 -5.03 9.18 10.39
C ARG A 182 -6.10 9.44 9.33
N TRP A 183 -7.11 8.59 9.29
CA TRP A 183 -8.19 8.77 8.32
C TRP A 183 -9.56 9.06 8.96
N ASP A 184 -9.99 10.32 8.91
CA ASP A 184 -11.34 10.71 9.35
C ASP A 184 -12.23 10.95 8.15
N GLY A 185 -12.56 9.91 7.40
CA GLY A 185 -13.22 10.09 6.11
C GLY A 185 -12.39 10.88 5.11
N LYS A 186 -11.27 11.42 5.56
CA LYS A 186 -10.28 12.07 4.73
C LYS A 186 -8.97 11.99 5.47
N ALA A 187 -7.95 12.68 4.97
CA ALA A 187 -6.64 12.62 5.59
C ALA A 187 -6.54 13.65 6.72
N VAL A 188 -6.14 13.20 7.90
CA VAL A 188 -5.95 14.12 9.01
C VAL A 188 -4.60 13.90 9.69
N ASN A 189 -3.82 14.97 9.82
CA ASN A 189 -2.50 14.89 10.45
C ASN A 189 -2.54 14.63 11.95
N ASP A 190 -2.00 13.48 12.34
CA ASP A 190 -2.03 13.01 13.70
C ASP A 190 -0.81 12.15 13.95
N PRO A 191 0.26 12.74 14.51
CA PRO A 191 1.47 12.02 14.92
C PRO A 191 1.22 10.91 15.93
N ASP A 192 0.09 10.98 16.63
CA ASP A 192 -0.29 10.00 17.66
C ASP A 192 -1.08 8.82 17.14
N SER A 193 -1.59 8.96 15.92
CA SER A 193 -2.42 7.93 15.29
C SER A 193 -1.82 6.52 15.36
N ALA A 194 -0.50 6.41 15.24
CA ALA A 194 0.14 5.11 15.38
C ALA A 194 0.29 4.74 16.85
N LYS A 195 -0.32 3.62 17.24
CA LYS A 195 -0.41 3.25 18.66
C LYS A 195 0.12 1.85 18.93
N CYS A 196 0.70 1.66 20.12
CA CYS A 196 1.21 0.36 20.55
C CYS A 196 0.09 -0.65 20.73
N ALA A 197 0.33 -1.89 20.34
CA ALA A 197 -0.61 -2.98 20.60
C ALA A 197 -0.81 -3.16 22.10
N GLY A 198 -2.05 -3.43 22.50
CA GLY A 198 -2.38 -3.63 23.90
C GLY A 198 -2.63 -2.33 24.63
N THR A 199 -1.58 -1.53 24.78
CA THR A 199 -1.61 -0.33 25.62
C THR A 199 -2.31 0.87 24.99
N ASN A 200 -2.43 0.87 23.66
CA ASN A 200 -3.10 1.94 22.90
C ASN A 200 -2.39 3.27 23.03
N THR A 201 -1.14 3.19 23.47
CA THR A 201 -0.26 4.33 23.69
C THR A 201 0.48 4.74 22.40
N PRO A 202 0.73 6.05 22.21
CA PRO A 202 1.32 6.50 20.93
C PRO A 202 2.71 5.95 20.70
N VAL A 203 2.96 5.45 19.50
CA VAL A 203 4.25 4.84 19.17
C VAL A 203 5.40 5.82 19.34
N ARG A 204 5.16 7.08 18.98
CA ARG A 204 6.22 8.07 18.95
C ARG A 204 6.66 8.50 20.35
N ALA A 205 5.87 8.11 21.36
CA ALA A 205 6.18 8.45 22.75
C ALA A 205 6.93 7.30 23.44
N VAL A 206 7.33 6.30 22.68
CA VAL A 206 8.02 5.14 23.22
C VAL A 206 9.44 5.49 23.63
N THR A 207 9.82 5.11 24.85
CA THR A 207 11.13 5.48 25.40
C THR A 207 12.15 4.37 25.20
N GLU A 208 13.39 4.77 24.91
CA GLU A 208 14.51 3.86 24.74
C GLU A 208 14.64 2.86 25.90
N ALA A 209 14.53 3.36 27.12
CA ALA A 209 14.66 2.54 28.32
C ALA A 209 13.48 1.60 28.49
N SER A 210 12.30 2.02 28.03
CA SER A 210 11.09 1.23 28.21
C SER A 210 11.07 -0.02 27.34
N THR A 211 12.10 -0.20 26.50
CA THR A 211 12.17 -1.36 25.61
C THR A 211 13.25 -2.36 26.02
N SER A 212 13.17 -3.55 25.43
CA SER A 212 14.17 -4.58 25.68
C SER A 212 14.49 -5.33 24.39
N PRO A 213 15.78 -5.43 24.05
CA PRO A 213 16.23 -6.20 22.87
C PRO A 213 15.94 -7.69 23.02
N SER A 214 15.59 -8.10 24.23
CA SER A 214 15.27 -9.50 24.53
C SER A 214 13.78 -9.70 24.88
N LYS A 215 12.90 -9.07 24.10
CA LYS A 215 11.45 -9.24 24.26
C LYS A 215 10.76 -9.11 22.91
N CYS A 216 11.37 -9.72 21.89
CA CYS A 216 10.87 -9.60 20.52
C CYS A 216 10.49 -10.97 19.95
#